data_9BXM
#
_entry.id   9BXM
#
_cell.length_a   70.160
_cell.length_b   92.215
_cell.length_c   95.999
_cell.angle_alpha   90.000
_cell.angle_beta   90.000
_cell.angle_gamma   90.000
#
_symmetry.space_group_name_H-M   'P 21 21 21'
#
loop_
_entity.id
_entity.type
_entity.pdbx_description
1 polymer '5-thiohistidine N-methyltransferase OvoM'
2 non-polymer 1,2-ETHANEDIOL
3 water water
#
_entity_poly.entity_id   1
_entity_poly.type   'polypeptide(L)'
_entity_poly.pdbx_seq_one_letter_code
;MGSSHHHHHHSSGLVPRGSHMIFKEKNIYETDESVSQYCDFQYGEDCFGVLNFALACATKAIGYTKETPKNRALDLGCAT
GRASFELARSYKHVDGVDYSQAFVDAATELQKNGCIGYSQNGEGELKNYKVIDREGYAFRDSFTKVEFFQGDACNLTPQF
KEYDLIMATNLIDRLYEPRLFLENIHKRINEKGYLILTSPYTWREEYTAKKFWIGGYVDENGKEVSTLEGLKEILEIHFE
LVATEDIPFVIRETSRKFQHTISQMSVWKVIST
;
_entity_poly.pdbx_strand_id   A,B
#
loop_
_chem_comp.id
_chem_comp.type
_chem_comp.name
_chem_comp.formula
EDO non-polymer 1,2-ETHANEDIOL 'C2 H6 O2'
#
# COMPACT_ATOMS: atom_id res chain seq x y z
N GLU A 30 -10.77 -21.56 4.32
CA GLU A 30 -10.44 -20.70 3.19
C GLU A 30 -9.03 -20.18 3.34
N THR A 31 -8.86 -19.15 4.19
CA THR A 31 -7.52 -18.66 4.50
C THR A 31 -6.68 -19.76 5.13
N ASP A 32 -7.29 -20.59 5.98
CA ASP A 32 -6.55 -21.66 6.64
C ASP A 32 -6.04 -22.68 5.63
N GLU A 33 -6.82 -22.94 4.57
CA GLU A 33 -6.34 -23.84 3.52
C GLU A 33 -5.09 -23.30 2.85
N SER A 34 -5.11 -22.03 2.45
CA SER A 34 -3.94 -21.45 1.81
C SER A 34 -2.74 -21.43 2.75
N VAL A 35 -2.96 -21.10 4.03
CA VAL A 35 -1.86 -21.09 4.99
C VAL A 35 -1.30 -22.49 5.16
N SER A 36 -2.17 -23.49 5.28
CA SER A 36 -1.70 -24.88 5.39
C SER A 36 -0.94 -25.29 4.15
N GLN A 37 -1.37 -24.81 2.98
CA GLN A 37 -0.69 -25.20 1.74
C GLN A 37 0.72 -24.63 1.69
N TYR A 38 0.90 -23.39 2.15
CA TYR A 38 2.22 -22.76 2.14
C TYR A 38 3.09 -23.29 3.28
N CYS A 39 2.48 -23.73 4.39
CA CYS A 39 3.23 -24.42 5.42
C CYS A 39 3.86 -25.69 4.88
N ASP A 40 3.09 -26.46 4.11
CA ASP A 40 3.61 -27.67 3.49
C ASP A 40 4.65 -27.34 2.44
N PHE A 41 4.39 -26.32 1.62
CA PHE A 41 5.34 -25.89 0.60
C PHE A 41 6.66 -25.48 1.23
N GLN A 42 6.61 -24.67 2.27
CA GLN A 42 7.82 -24.04 2.80
C GLN A 42 8.55 -24.89 3.82
N TYR A 43 7.85 -25.79 4.51
CA TYR A 43 8.46 -26.57 5.58
C TYR A 43 8.34 -28.07 5.39
N GLY A 44 7.68 -28.52 4.31
CA GLY A 44 7.47 -29.93 4.07
C GLY A 44 8.65 -30.59 3.39
N GLU A 45 8.43 -31.83 2.95
CA GLU A 45 9.46 -32.64 2.32
C GLU A 45 9.46 -32.44 0.81
N ASP A 46 10.61 -32.72 0.20
CA ASP A 46 10.78 -32.55 -1.24
C ASP A 46 9.90 -33.52 -2.01
N CYS A 47 9.51 -33.10 -3.22
CA CYS A 47 8.66 -33.89 -4.11
C CYS A 47 9.29 -33.96 -5.48
N PHE A 48 9.18 -35.12 -6.12
CA PHE A 48 9.70 -35.34 -7.48
C PHE A 48 11.17 -34.96 -7.62
N GLY A 49 11.92 -35.07 -6.53
CA GLY A 49 13.32 -34.68 -6.60
C GLY A 49 13.58 -33.19 -6.54
N VAL A 50 12.55 -32.37 -6.39
CA VAL A 50 12.69 -30.92 -6.38
C VAL A 50 12.92 -30.47 -4.95
N LEU A 51 14.02 -29.77 -4.73
CA LEU A 51 14.39 -29.32 -3.40
C LEU A 51 13.49 -28.18 -2.94
N ASN A 52 13.52 -27.94 -1.64
CA ASN A 52 12.75 -26.86 -1.02
C ASN A 52 13.03 -25.52 -1.68
N PHE A 53 11.98 -24.86 -2.16
CA PHE A 53 12.12 -23.64 -2.94
C PHE A 53 12.66 -22.49 -2.09
N ALA A 54 12.09 -22.29 -0.90
CA ALA A 54 12.53 -21.19 -0.04
C ALA A 54 13.99 -21.35 0.36
N LEU A 55 14.42 -22.58 0.65
CA LEU A 55 15.83 -22.80 0.98
C LEU A 55 16.72 -22.55 -0.23
N ALA A 56 16.30 -23.01 -1.40
CA ALA A 56 17.10 -22.82 -2.61
C ALA A 56 17.26 -21.34 -2.94
N CYS A 57 16.17 -20.58 -2.88
CA CYS A 57 16.23 -19.15 -3.20
C CYS A 57 17.10 -18.41 -2.19
N ALA A 58 16.92 -18.71 -0.90
CA ALA A 58 17.69 -18.02 0.13
C ALA A 58 19.17 -18.37 0.03
N THR A 59 19.46 -19.65 -0.22
CA THR A 59 20.84 -20.08 -0.39
C THR A 59 21.48 -19.42 -1.60
N LYS A 60 20.75 -19.38 -2.72
CA LYS A 60 21.29 -18.73 -3.91
C LYS A 60 21.43 -17.23 -3.69
N ALA A 61 20.51 -16.63 -2.95
CA ALA A 61 20.59 -15.20 -2.66
C ALA A 61 21.82 -14.87 -1.81
N ILE A 62 22.14 -15.73 -0.84
CA ILE A 62 23.31 -15.47 0.00
C ILE A 62 24.58 -15.55 -0.83
N GLY A 63 24.63 -16.48 -1.79
CA GLY A 63 25.80 -16.57 -2.65
C GLY A 63 25.99 -15.32 -3.50
N TYR A 64 24.92 -14.86 -4.14
CA TYR A 64 25.00 -13.68 -5.00
C TYR A 64 25.34 -12.41 -4.22
N THR A 65 25.14 -12.41 -2.90
CA THR A 65 25.38 -11.22 -2.08
C THR A 65 26.53 -11.42 -1.11
N LYS A 66 27.44 -12.36 -1.39
CA LYS A 66 28.51 -12.69 -0.45
C LYS A 66 29.44 -11.50 -0.24
N GLU A 67 29.70 -10.71 -1.28
CA GLU A 67 30.58 -9.56 -1.19
C GLU A 67 29.97 -8.37 -0.46
N THR A 68 28.70 -8.44 -0.06
CA THR A 68 28.02 -7.32 0.55
C THR A 68 28.05 -7.42 2.07
N PRO A 69 27.82 -6.31 2.78
CA PRO A 69 27.84 -6.35 4.25
C PRO A 69 26.92 -7.38 4.87
N LYS A 70 25.77 -7.67 4.25
CA LYS A 70 24.82 -8.65 4.78
C LYS A 70 24.33 -8.26 6.18
N ASN A 71 23.90 -7.01 6.32
CA ASN A 71 23.33 -6.53 7.57
C ASN A 71 21.81 -6.62 7.59
N ARG A 72 21.14 -6.01 6.62
CA ARG A 72 19.69 -5.95 6.55
C ARG A 72 19.22 -6.58 5.26
N ALA A 73 18.23 -7.48 5.36
CA ALA A 73 17.59 -8.09 4.20
C ALA A 73 16.08 -7.99 4.36
N LEU A 74 15.40 -7.88 3.23
CA LEU A 74 13.94 -7.79 3.17
C LEU A 74 13.40 -8.89 2.28
N ASP A 75 12.51 -9.72 2.83
CA ASP A 75 11.90 -10.83 2.11
C ASP A 75 10.42 -10.50 1.89
N LEU A 76 10.10 -10.05 0.68
CA LEU A 76 8.73 -9.67 0.32
C LEU A 76 8.00 -10.87 -0.26
N GLY A 77 6.76 -11.05 0.17
CA GLY A 77 6.07 -12.29 -0.12
C GLY A 77 6.62 -13.43 0.70
N CYS A 78 6.90 -13.18 1.98
CA CYS A 78 7.51 -14.20 2.83
C CYS A 78 6.57 -15.34 3.15
N ALA A 79 5.26 -15.14 2.99
CA ALA A 79 4.27 -16.15 3.30
C ALA A 79 4.47 -16.69 4.70
N THR A 80 4.79 -17.98 4.84
CA THR A 80 4.91 -18.60 6.15
C THR A 80 6.32 -18.50 6.73
N GLY A 81 7.22 -17.75 6.07
CA GLY A 81 8.43 -17.26 6.69
C GLY A 81 9.72 -18.02 6.43
N ARG A 82 9.69 -19.09 5.63
CA ARG A 82 10.88 -19.95 5.52
C ARG A 82 12.08 -19.18 4.98
N ALA A 83 11.89 -18.43 3.90
CA ALA A 83 13.00 -17.70 3.29
C ALA A 83 13.60 -16.68 4.25
N SER A 84 12.76 -16.04 5.07
CA SER A 84 13.27 -15.07 6.04
C SER A 84 14.16 -15.76 7.09
N PHE A 85 13.69 -16.90 7.61
CA PHE A 85 14.48 -17.65 8.59
C PHE A 85 15.82 -18.08 8.00
N GLU A 86 15.82 -18.50 6.73
CA GLU A 86 17.05 -18.96 6.11
C GLU A 86 18.00 -17.81 5.81
N LEU A 87 17.46 -16.66 5.40
CA LEU A 87 18.30 -15.49 5.18
C LEU A 87 18.94 -15.03 6.48
N ALA A 88 18.25 -15.23 7.59
CA ALA A 88 18.74 -14.78 8.88
C ALA A 88 19.99 -15.53 9.33
N ARG A 89 20.24 -16.71 8.77
CA ARG A 89 21.47 -17.42 9.11
C ARG A 89 22.70 -16.69 8.61
N SER A 90 22.55 -15.85 7.58
CA SER A 90 23.67 -15.10 7.05
C SER A 90 23.57 -13.60 7.26
N TYR A 91 22.37 -13.05 7.47
CA TYR A 91 22.19 -11.62 7.67
C TYR A 91 21.98 -11.31 9.16
N LYS A 92 22.27 -10.05 9.52
CA LYS A 92 22.09 -9.65 10.91
C LYS A 92 20.64 -9.34 11.23
N HIS A 93 19.87 -8.87 10.25
CA HIS A 93 18.46 -8.61 10.44
C HIS A 93 17.72 -8.92 9.14
N VAL A 94 16.57 -9.58 9.27
CA VAL A 94 15.72 -9.89 8.14
C VAL A 94 14.30 -9.42 8.46
N ASP A 95 13.73 -8.61 7.57
CA ASP A 95 12.32 -8.25 7.65
C ASP A 95 11.55 -9.14 6.68
N GLY A 96 10.56 -9.88 7.20
CA GLY A 96 9.66 -10.65 6.37
C GLY A 96 8.33 -9.92 6.25
N VAL A 97 7.90 -9.71 5.01
CA VAL A 97 6.69 -8.94 4.73
C VAL A 97 5.78 -9.77 3.84
N ASP A 98 4.50 -9.83 4.18
CA ASP A 98 3.51 -10.45 3.33
C ASP A 98 2.22 -9.63 3.37
N TYR A 99 1.44 -9.71 2.30
CA TYR A 99 0.20 -8.95 2.25
C TYR A 99 -0.85 -9.53 3.17
N SER A 100 -0.88 -10.85 3.32
CA SER A 100 -1.90 -11.52 4.12
C SER A 100 -1.48 -11.57 5.58
N GLN A 101 -2.31 -11.00 6.45
CA GLN A 101 -2.05 -11.08 7.88
C GLN A 101 -2.03 -12.52 8.37
N ALA A 102 -2.83 -13.38 7.73
CA ALA A 102 -2.89 -14.78 8.15
C ALA A 102 -1.56 -15.48 7.95
N PHE A 103 -0.84 -15.16 6.87
CA PHE A 103 0.48 -15.75 6.67
C PHE A 103 1.48 -15.18 7.65
N VAL A 104 1.38 -13.89 7.97
CA VAL A 104 2.25 -13.27 8.95
C VAL A 104 2.05 -13.92 10.32
N ASP A 105 0.79 -14.17 10.70
CA ASP A 105 0.53 -14.77 12.00
C ASP A 105 1.14 -16.15 12.10
N ALA A 106 1.03 -16.96 11.04
CA ALA A 106 1.61 -18.29 11.05
C ALA A 106 3.13 -18.22 11.22
N ALA A 107 3.78 -17.33 10.48
CA ALA A 107 5.22 -17.15 10.62
C ALA A 107 5.57 -16.71 12.04
N THR A 108 4.85 -15.73 12.56
CA THR A 108 5.12 -15.25 13.92
C THR A 108 4.84 -16.33 14.95
N GLU A 109 3.79 -17.13 14.74
CA GLU A 109 3.50 -18.23 15.64
C GLU A 109 4.66 -19.21 15.70
N LEU A 110 5.18 -19.62 14.55
CA LEU A 110 6.32 -20.55 14.54
C LEU A 110 7.55 -19.91 15.17
N GLN A 111 7.78 -18.63 14.90
CA GLN A 111 8.89 -17.92 15.50
C GLN A 111 8.76 -17.88 17.01
N LYS A 112 7.60 -17.47 17.52
CA LYS A 112 7.44 -17.23 18.94
C LYS A 112 7.13 -18.51 19.71
N ASN A 113 6.15 -19.30 19.24
CA ASN A 113 5.78 -20.52 19.95
C ASN A 113 6.73 -21.69 19.69
N GLY A 114 7.57 -21.61 18.67
CA GLY A 114 8.46 -22.71 18.34
C GLY A 114 7.82 -23.87 17.62
N CYS A 115 6.51 -23.80 17.35
CA CYS A 115 5.84 -24.87 16.63
C CYS A 115 4.55 -24.31 16.05
N ILE A 116 4.09 -24.96 14.99
CA ILE A 116 2.81 -24.63 14.39
C ILE A 116 2.28 -25.90 13.75
N GLY A 117 0.96 -26.06 13.76
CA GLY A 117 0.31 -27.18 13.12
C GLY A 117 -0.32 -26.76 11.80
N TYR A 118 -0.45 -27.73 10.90
CA TYR A 118 -1.11 -27.47 9.63
C TYR A 118 -1.74 -28.76 9.13
N SER A 119 -2.74 -28.60 8.26
CA SER A 119 -3.50 -29.72 7.71
C SER A 119 -3.01 -29.99 6.29
N GLN A 120 -2.28 -31.09 6.11
CA GLN A 120 -1.84 -31.49 4.79
C GLN A 120 -3.00 -32.10 4.01
N ASN A 121 -3.14 -31.68 2.75
CA ASN A 121 -4.24 -32.14 1.92
C ASN A 121 -4.00 -33.58 1.48
N GLY A 122 -5.05 -34.40 1.55
CA GLY A 122 -4.94 -35.79 1.08
C GLY A 122 -5.86 -36.04 -0.08
N GLU A 123 -6.58 -37.17 -0.05
CA GLU A 123 -7.54 -37.50 -1.12
C GLU A 123 -8.83 -36.73 -0.89
N GLY A 124 -9.28 -36.00 -1.91
CA GLY A 124 -10.55 -35.25 -1.82
C GLY A 124 -10.52 -34.19 -0.75
N GLU A 125 -11.36 -34.33 0.26
CA GLU A 125 -11.46 -33.34 1.36
C GLU A 125 -10.62 -33.81 2.55
N LEU A 126 -10.11 -35.03 2.50
CA LEU A 126 -9.39 -35.60 3.66
C LEU A 126 -8.11 -34.80 3.94
N LYS A 127 -7.81 -34.61 5.21
CA LYS A 127 -6.62 -33.82 5.60
C LYS A 127 -5.79 -34.63 6.60
N ASN A 128 -4.47 -34.43 6.58
CA ASN A 128 -3.55 -35.15 7.48
C ASN A 128 -2.82 -34.11 8.33
N TYR A 129 -3.02 -34.14 9.65
CA TYR A 129 -2.41 -33.12 10.53
C TYR A 129 -0.89 -33.30 10.58
N LYS A 130 -0.19 -32.18 10.48
CA LYS A 130 1.29 -32.22 10.55
C LYS A 130 1.76 -31.11 11.49
N VAL A 131 2.93 -31.31 12.09
CA VAL A 131 3.52 -30.33 13.00
C VAL A 131 4.85 -29.85 12.41
N ILE A 132 5.07 -28.54 12.46
CA ILE A 132 6.35 -27.94 12.11
C ILE A 132 7.03 -27.52 13.41
N ASP A 133 8.17 -28.13 13.71
CA ASP A 133 8.93 -27.81 14.92
C ASP A 133 10.12 -26.93 14.54
N ARG A 134 10.12 -25.70 15.04
CA ARG A 134 11.21 -24.78 14.75
C ARG A 134 12.56 -25.37 15.11
N GLU A 135 12.61 -26.15 16.19
CA GLU A 135 13.86 -26.72 16.68
C GLU A 135 14.34 -27.90 15.86
N GLY A 136 13.61 -28.31 14.82
CA GLY A 136 14.07 -29.33 13.91
C GLY A 136 14.82 -28.84 12.70
N TYR A 137 14.93 -27.53 12.50
CA TYR A 137 15.57 -26.96 11.33
C TYR A 137 16.87 -26.26 11.71
N ALA A 138 17.81 -26.25 10.78
CA ALA A 138 19.07 -25.56 11.01
C ALA A 138 18.87 -24.07 11.25
N PHE A 139 17.77 -23.50 10.76
CA PHE A 139 17.58 -22.06 10.93
C PHE A 139 17.19 -21.68 12.36
N ARG A 140 17.08 -22.64 13.27
CA ARG A 140 16.73 -22.33 14.65
C ARG A 140 17.82 -21.56 15.36
N ASP A 141 19.01 -21.44 14.77
CA ASP A 141 20.09 -20.67 15.37
C ASP A 141 19.99 -19.18 15.09
N SER A 142 18.99 -18.74 14.32
CA SER A 142 18.94 -17.35 13.87
C SER A 142 17.54 -16.76 13.86
N PHE A 143 16.53 -17.46 14.38
CA PHE A 143 15.15 -17.02 14.16
C PHE A 143 14.80 -15.73 14.89
N THR A 144 15.57 -15.36 15.92
CA THR A 144 15.29 -14.10 16.62
C THR A 144 15.75 -12.88 15.83
N LYS A 145 16.50 -13.08 14.74
CA LYS A 145 16.95 -11.99 13.90
C LYS A 145 15.92 -11.60 12.84
N VAL A 146 14.72 -12.16 12.92
CA VAL A 146 13.66 -11.93 11.95
C VAL A 146 12.52 -11.17 12.61
N GLU A 147 11.90 -10.28 11.85
CA GLU A 147 10.65 -9.64 12.24
C GLU A 147 9.67 -9.76 11.07
N PHE A 148 8.46 -10.21 11.35
CA PHE A 148 7.44 -10.39 10.33
C PHE A 148 6.41 -9.27 10.40
N PHE A 149 6.04 -8.74 9.24
CA PHE A 149 5.08 -7.65 9.14
C PHE A 149 4.10 -7.92 8.00
N GLN A 150 2.90 -7.38 8.15
CA GLN A 150 1.96 -7.29 7.05
C GLN A 150 2.21 -5.98 6.29
N GLY A 151 2.24 -6.07 4.96
CA GLY A 151 2.48 -4.88 4.16
C GLY A 151 2.29 -5.19 2.69
N ASP A 152 2.22 -4.12 1.90
CA ASP A 152 2.03 -4.21 0.46
C ASP A 152 3.30 -3.75 -0.23
N ALA A 153 3.92 -4.66 -0.98
CA ALA A 153 5.16 -4.36 -1.69
C ALA A 153 5.01 -3.23 -2.70
N CYS A 154 3.78 -2.93 -3.14
CA CYS A 154 3.59 -1.82 -4.06
C CYS A 154 3.60 -0.48 -3.37
N ASN A 155 3.58 -0.46 -2.03
CA ASN A 155 3.55 0.79 -1.27
C ASN A 155 4.05 0.54 0.14
N LEU A 156 5.33 0.27 0.27
CA LEU A 156 5.91 -0.07 1.57
C LEU A 156 6.06 1.19 2.43
N THR A 157 5.78 1.04 3.72
CA THR A 157 5.95 2.15 4.64
C THR A 157 7.42 2.58 4.68
N PRO A 158 7.69 3.82 5.08
CA PRO A 158 9.07 4.36 4.93
C PRO A 158 10.12 3.65 5.78
N GLN A 159 9.72 2.91 6.83
CA GLN A 159 10.73 2.30 7.69
C GLN A 159 11.47 1.16 7.01
N PHE A 160 10.92 0.58 5.96
CA PHE A 160 11.54 -0.56 5.30
C PHE A 160 12.51 -0.01 4.26
N LYS A 161 13.75 0.22 4.69
CA LYS A 161 14.77 0.85 3.87
C LYS A 161 16.14 0.35 4.29
N GLU A 162 17.16 0.81 3.58
CA GLU A 162 18.55 0.56 3.93
C GLU A 162 18.84 -0.94 3.99
N TYR A 163 18.42 -1.65 2.97
CA TYR A 163 18.63 -3.09 2.86
C TYR A 163 19.82 -3.34 1.94
N ASP A 164 20.63 -4.34 2.32
CA ASP A 164 21.65 -4.84 1.41
C ASP A 164 21.08 -5.82 0.40
N LEU A 165 19.95 -6.47 0.74
CA LEU A 165 19.30 -7.40 -0.18
C LEU A 165 17.80 -7.26 -0.03
N ILE A 166 17.11 -7.13 -1.16
CA ILE A 166 15.67 -7.20 -1.21
C ILE A 166 15.31 -8.35 -2.16
N MET A 167 14.62 -9.34 -1.64
CA MET A 167 14.18 -10.50 -2.42
C MET A 167 12.67 -10.51 -2.46
N ALA A 168 12.12 -10.76 -3.64
CA ALA A 168 10.68 -10.76 -3.87
C ALA A 168 10.37 -12.07 -4.58
N THR A 169 9.90 -13.05 -3.81
CA THR A 169 9.79 -14.43 -4.29
C THR A 169 8.39 -14.66 -4.84
N ASN A 170 8.32 -14.98 -6.15
CA ASN A 170 7.06 -15.24 -6.84
C ASN A 170 6.03 -14.16 -6.53
N LEU A 171 6.45 -12.90 -6.67
CA LEU A 171 5.60 -11.79 -6.24
C LEU A 171 5.10 -10.90 -7.36
N ILE A 172 5.93 -10.64 -8.38
CA ILE A 172 5.59 -9.58 -9.34
C ILE A 172 4.33 -9.93 -10.11
N ASP A 173 4.14 -11.20 -10.44
CA ASP A 173 2.95 -11.62 -11.17
C ASP A 173 1.74 -11.80 -10.26
N ARG A 174 1.81 -11.23 -9.05
CA ARG A 174 0.67 -11.21 -8.14
C ARG A 174 0.37 -9.81 -7.65
N LEU A 175 1.08 -8.80 -8.15
CA LEU A 175 0.90 -7.42 -7.73
C LEU A 175 -0.10 -6.73 -8.64
N TYR A 176 -0.97 -5.90 -8.04
CA TYR A 176 -1.99 -5.21 -8.83
C TYR A 176 -1.36 -4.22 -9.80
N GLU A 177 -0.21 -3.65 -9.46
CA GLU A 177 0.56 -2.81 -10.39
C GLU A 177 2.03 -2.96 -10.05
N PRO A 178 2.73 -3.91 -10.67
CA PRO A 178 4.13 -4.17 -10.29
C PRO A 178 5.08 -2.99 -10.51
N ARG A 179 4.76 -2.03 -11.37
CA ARG A 179 5.65 -0.88 -11.54
C ARG A 179 5.72 -0.04 -10.27
N LEU A 180 4.64 0.00 -9.49
CA LEU A 180 4.68 0.71 -8.21
C LEU A 180 5.80 0.17 -7.32
N PHE A 181 6.06 -1.13 -7.41
CA PHE A 181 7.13 -1.76 -6.66
C PHE A 181 8.46 -1.65 -7.38
N LEU A 182 8.51 -2.05 -8.65
CA LEU A 182 9.79 -2.16 -9.36
C LEU A 182 10.44 -0.81 -9.61
N GLU A 183 9.63 0.22 -9.93
CA GLU A 183 10.21 1.51 -10.29
C GLU A 183 10.77 2.26 -9.08
N ASN A 184 10.38 1.88 -7.86
CA ASN A 184 10.78 2.59 -6.66
C ASN A 184 11.66 1.79 -5.71
N ILE A 185 11.78 0.47 -5.90
CA ILE A 185 12.44 -0.37 -4.91
C ILE A 185 13.91 -0.02 -4.72
N HIS A 186 14.56 0.57 -5.73
CA HIS A 186 15.96 0.97 -5.59
C HIS A 186 16.17 1.97 -4.45
N LYS A 187 15.14 2.73 -4.08
CA LYS A 187 15.28 3.67 -2.98
C LYS A 187 15.38 3.00 -1.62
N ARG A 188 15.05 1.71 -1.52
CA ARG A 188 15.11 0.97 -0.27
C ARG A 188 16.36 0.10 -0.16
N ILE A 189 17.22 0.11 -1.19
CA ILE A 189 18.41 -0.73 -1.23
C ILE A 189 19.64 0.14 -1.10
N ASN A 190 20.63 -0.33 -0.35
CA ASN A 190 21.90 0.35 -0.23
C ASN A 190 22.69 0.28 -1.54
N GLU A 191 23.65 1.20 -1.67
CA GLU A 191 24.56 1.16 -2.81
C GLU A 191 25.32 -0.16 -2.81
N LYS A 192 25.54 -0.69 -4.01
CA LYS A 192 26.11 -2.02 -4.21
C LYS A 192 25.22 -3.13 -3.64
N GLY A 193 23.99 -2.80 -3.24
CA GLY A 193 23.05 -3.79 -2.78
C GLY A 193 22.43 -4.55 -3.94
N TYR A 194 21.56 -5.51 -3.60
CA TYR A 194 21.00 -6.41 -4.59
C TYR A 194 19.49 -6.48 -4.48
N LEU A 195 18.84 -6.57 -5.63
CA LEU A 195 17.43 -6.93 -5.73
C LEU A 195 17.39 -8.28 -6.43
N ILE A 196 16.75 -9.26 -5.81
CA ILE A 196 16.64 -10.59 -6.39
C ILE A 196 15.16 -10.90 -6.55
N LEU A 197 14.77 -11.21 -7.78
CA LEU A 197 13.39 -11.52 -8.12
C LEU A 197 13.32 -12.94 -8.63
N THR A 198 12.26 -13.64 -8.25
CA THR A 198 11.91 -14.91 -8.84
C THR A 198 10.45 -14.84 -9.26
N SER A 199 10.13 -15.45 -10.39
CA SER A 199 8.75 -15.42 -10.85
C SER A 199 8.58 -16.46 -11.94
N PRO A 200 7.47 -17.20 -11.95
CA PRO A 200 7.13 -18.02 -13.12
C PRO A 200 6.47 -17.22 -14.24
N TYR A 201 6.25 -15.92 -14.05
CA TYR A 201 5.65 -15.07 -15.07
C TYR A 201 4.25 -15.55 -15.43
N THR A 202 3.47 -15.92 -14.42
CA THR A 202 2.09 -16.37 -14.61
C THR A 202 1.15 -15.18 -14.45
N TRP A 203 1.22 -14.28 -15.42
CA TRP A 203 0.37 -13.09 -15.40
C TRP A 203 -1.09 -13.49 -15.59
N ARG A 204 -1.97 -12.93 -14.77
CA ARG A 204 -3.38 -13.29 -14.75
C ARG A 204 -4.21 -12.06 -14.38
N GLU A 205 -5.33 -11.88 -15.07
CA GLU A 205 -6.16 -10.70 -14.83
C GLU A 205 -6.81 -10.71 -13.46
N GLU A 206 -6.95 -11.87 -12.82
CA GLU A 206 -7.45 -11.90 -11.45
C GLU A 206 -6.50 -11.22 -10.47
N TYR A 207 -5.23 -11.08 -10.84
CA TYR A 207 -4.24 -10.41 -10.00
C TYR A 207 -3.81 -9.07 -10.57
N THR A 208 -3.57 -9.00 -11.88
CA THR A 208 -3.01 -7.82 -12.52
C THR A 208 -3.79 -7.54 -13.79
N ALA A 209 -4.31 -6.32 -13.93
CA ALA A 209 -4.89 -5.91 -15.19
C ALA A 209 -3.84 -6.05 -16.31
N LYS A 210 -4.31 -6.43 -17.50
CA LYS A 210 -3.39 -6.74 -18.60
C LYS A 210 -2.48 -5.57 -18.93
N LYS A 211 -3.01 -4.34 -18.87
CA LYS A 211 -2.19 -3.17 -19.20
C LYS A 211 -0.98 -3.05 -18.29
N PHE A 212 -0.96 -3.75 -17.15
CA PHE A 212 0.13 -3.65 -16.20
C PHE A 212 1.04 -4.86 -16.19
N TRP A 213 0.78 -5.87 -17.04
CA TRP A 213 1.69 -7.01 -17.14
C TRP A 213 3.07 -6.54 -17.60
N ILE A 214 4.11 -7.00 -16.92
CA ILE A 214 5.47 -6.63 -17.32
C ILE A 214 5.89 -7.40 -18.57
N GLY A 215 5.28 -8.55 -18.81
CA GLY A 215 5.57 -9.31 -20.00
C GLY A 215 4.44 -10.26 -20.29
N GLY A 216 4.68 -11.14 -21.26
CA GLY A 216 3.66 -12.09 -21.65
C GLY A 216 2.53 -11.49 -22.45
N TYR A 217 2.81 -10.44 -23.21
CA TYR A 217 1.78 -9.75 -23.97
C TYR A 217 2.35 -9.26 -25.30
N VAL A 218 1.45 -9.08 -26.26
CA VAL A 218 1.77 -8.44 -27.53
C VAL A 218 1.53 -6.94 -27.37
N ASP A 219 2.56 -6.13 -27.62
CA ASP A 219 2.42 -4.69 -27.43
C ASP A 219 1.68 -4.05 -28.60
N GLU A 220 1.51 -2.74 -28.53
CA GLU A 220 0.79 -1.99 -29.55
C GLU A 220 1.48 -2.00 -30.91
N ASN A 221 2.76 -2.37 -30.96
CA ASN A 221 3.51 -2.48 -32.21
C ASN A 221 3.59 -3.90 -32.74
N GLY A 222 2.80 -4.82 -32.20
CA GLY A 222 2.80 -6.19 -32.67
C GLY A 222 3.99 -7.02 -32.23
N LYS A 223 4.79 -6.53 -31.29
CA LYS A 223 5.92 -7.27 -30.77
C LYS A 223 5.53 -8.03 -29.52
N GLU A 224 6.05 -9.24 -29.38
CA GLU A 224 5.82 -10.03 -28.18
C GLU A 224 6.83 -9.62 -27.12
N VAL A 225 6.34 -9.33 -25.92
CA VAL A 225 7.17 -8.82 -24.83
C VAL A 225 7.38 -9.93 -23.81
N SER A 226 8.63 -10.28 -23.57
CA SER A 226 8.96 -11.21 -22.50
C SER A 226 9.11 -10.44 -21.20
N THR A 227 8.75 -11.10 -20.10
CA THR A 227 8.81 -10.43 -18.81
C THR A 227 10.22 -10.02 -18.45
N LEU A 228 11.22 -10.86 -18.72
CA LEU A 228 12.59 -10.47 -18.44
C LEU A 228 12.97 -9.20 -19.18
N GLU A 229 12.65 -9.12 -20.48
CA GLU A 229 12.90 -7.89 -21.23
C GLU A 229 12.21 -6.71 -20.59
N GLY A 230 10.93 -6.86 -20.21
CA GLY A 230 10.22 -5.78 -19.56
C GLY A 230 10.84 -5.39 -18.24
N LEU A 231 11.34 -6.36 -17.49
CA LEU A 231 12.05 -6.06 -16.25
C LEU A 231 13.34 -5.31 -16.54
N LYS A 232 14.05 -5.70 -17.59
CA LYS A 232 15.26 -4.98 -17.98
C LYS A 232 14.95 -3.52 -18.28
N GLU A 233 13.84 -3.25 -18.97
CA GLU A 233 13.49 -1.87 -19.29
C GLU A 233 13.25 -1.05 -18.02
N ILE A 234 12.57 -1.64 -17.03
CA ILE A 234 12.28 -0.90 -15.81
C ILE A 234 13.51 -0.81 -14.92
N LEU A 235 14.25 -1.90 -14.77
CA LEU A 235 15.27 -1.98 -13.73
C LEU A 235 16.65 -1.50 -14.16
N GLU A 236 16.96 -1.51 -15.45
CA GLU A 236 18.30 -1.09 -15.85
C GLU A 236 18.53 0.41 -15.75
N ILE A 237 17.51 1.18 -15.39
CA ILE A 237 17.74 2.58 -15.04
C ILE A 237 18.54 2.67 -13.76
N HIS A 238 18.34 1.75 -12.82
CA HIS A 238 19.01 1.81 -11.53
C HIS A 238 19.75 0.55 -11.14
N PHE A 239 19.66 -0.53 -11.93
CA PHE A 239 20.30 -1.79 -11.62
C PHE A 239 21.05 -2.31 -12.83
N GLU A 240 21.92 -3.29 -12.58
CA GLU A 240 22.54 -4.10 -13.63
C GLU A 240 22.12 -5.54 -13.42
N LEU A 241 21.75 -6.22 -14.50
CA LEU A 241 21.37 -7.63 -14.42
C LEU A 241 22.64 -8.46 -14.30
N VAL A 242 22.80 -9.16 -13.18
CA VAL A 242 24.03 -9.88 -12.90
C VAL A 242 23.92 -11.35 -13.30
N ALA A 243 22.74 -11.95 -13.13
CA ALA A 243 22.60 -13.37 -13.39
C ALA A 243 21.13 -13.74 -13.52
N THR A 244 20.89 -14.87 -14.18
CA THR A 244 19.57 -15.50 -14.21
C THR A 244 19.76 -17.00 -14.01
N GLU A 245 18.76 -17.64 -13.40
CA GLU A 245 18.71 -19.09 -13.37
C GLU A 245 17.30 -19.55 -13.12
N ASP A 246 16.99 -20.73 -13.63
CA ASP A 246 15.68 -21.33 -13.44
C ASP A 246 15.70 -22.19 -12.18
N ILE A 247 14.72 -22.00 -11.31
CA ILE A 247 14.59 -22.75 -10.07
C ILE A 247 13.22 -23.40 -10.05
N PRO A 248 13.12 -24.72 -10.06
CA PRO A 248 11.81 -25.37 -10.01
C PRO A 248 11.25 -25.37 -8.61
N PHE A 249 9.91 -25.45 -8.53
CA PHE A 249 9.27 -25.63 -7.24
C PHE A 249 8.00 -26.46 -7.42
N VAL A 250 7.63 -27.17 -6.37
CA VAL A 250 6.47 -28.02 -6.35
C VAL A 250 5.63 -27.65 -5.13
N ILE A 251 4.33 -27.45 -5.34
CA ILE A 251 3.40 -27.18 -4.25
C ILE A 251 2.31 -28.24 -4.30
N ARG A 252 2.04 -28.85 -3.15
CA ARG A 252 1.03 -29.91 -3.08
C ARG A 252 -0.36 -29.29 -3.10
N GLU A 253 -1.23 -29.84 -3.95
CA GLU A 253 -2.65 -29.48 -3.93
C GLU A 253 -3.51 -30.58 -3.33
N THR A 254 -3.29 -31.83 -3.71
CA THR A 254 -3.81 -33.00 -3.02
C THR A 254 -2.66 -33.99 -2.84
N SER A 255 -2.97 -35.14 -2.26
CA SER A 255 -1.96 -36.19 -2.13
C SER A 255 -1.43 -36.66 -3.47
N ARG A 256 -2.19 -36.47 -4.54
CA ARG A 256 -1.78 -36.99 -5.87
C ARG A 256 -1.59 -35.85 -6.88
N LYS A 257 -2.15 -34.68 -6.60
CA LYS A 257 -2.07 -33.56 -7.57
C LYS A 257 -1.14 -32.47 -7.05
N PHE A 258 -0.20 -32.07 -7.87
CA PHE A 258 0.78 -31.06 -7.47
C PHE A 258 1.01 -30.04 -8.57
N GLN A 259 1.44 -28.84 -8.19
CA GLN A 259 1.85 -27.84 -9.20
C GLN A 259 3.36 -27.93 -9.30
N HIS A 260 3.87 -28.17 -10.50
CA HIS A 260 5.33 -28.21 -10.73
C HIS A 260 5.65 -27.02 -11.64
N THR A 261 6.38 -26.05 -11.13
CA THR A 261 6.62 -24.80 -11.88
C THR A 261 8.10 -24.43 -11.85
N ILE A 262 8.59 -23.86 -12.95
CA ILE A 262 10.00 -23.42 -13.06
C ILE A 262 10.01 -21.89 -13.02
N SER A 263 10.42 -21.34 -11.87
CA SER A 263 10.50 -19.87 -11.71
C SER A 263 11.86 -19.39 -12.20
N GLN A 264 11.89 -18.18 -12.74
CA GLN A 264 13.16 -17.61 -13.18
C GLN A 264 13.65 -16.62 -12.12
N MET A 265 14.80 -16.90 -11.55
CA MET A 265 15.44 -15.96 -10.65
C MET A 265 16.23 -14.95 -11.48
N SER A 266 16.11 -13.68 -11.13
CA SER A 266 16.90 -12.63 -11.75
C SER A 266 17.55 -11.82 -10.65
N VAL A 267 18.85 -11.54 -10.82
CA VAL A 267 19.67 -10.89 -9.80
C VAL A 267 20.11 -9.53 -10.34
N TRP A 268 19.81 -8.48 -9.58
CA TRP A 268 20.03 -7.11 -10.02
C TRP A 268 20.86 -6.38 -8.97
N LYS A 269 21.97 -5.79 -9.40
CA LYS A 269 22.85 -5.02 -8.52
C LYS A 269 22.63 -3.52 -8.74
N VAL A 270 22.45 -2.80 -7.64
CA VAL A 270 22.24 -1.35 -7.73
C VAL A 270 23.47 -0.70 -8.36
N ILE A 271 23.24 0.17 -9.32
CA ILE A 271 24.32 0.91 -9.97
C ILE A 271 24.42 2.31 -9.37
N ASN B 27 -3.64 9.77 30.85
CA ASN B 27 -4.82 8.97 30.56
C ASN B 27 -5.28 9.17 29.13
N ILE B 28 -4.78 10.22 28.47
CA ILE B 28 -5.22 10.61 27.13
C ILE B 28 -4.23 10.08 26.10
N TYR B 29 -4.76 9.67 24.95
CA TYR B 29 -3.92 9.21 23.85
C TYR B 29 -3.17 10.40 23.25
N GLU B 30 -1.87 10.20 23.01
CA GLU B 30 -1.00 11.26 22.50
C GLU B 30 -0.50 10.88 21.12
N THR B 31 -0.64 11.81 20.18
CA THR B 31 -0.21 11.62 18.80
C THR B 31 1.22 12.13 18.61
N ASP B 32 1.90 11.58 17.60
CA ASP B 32 3.27 11.97 17.28
C ASP B 32 3.27 13.26 16.45
N GLU B 33 4.47 13.70 16.06
CA GLU B 33 4.63 15.00 15.41
C GLU B 33 3.90 15.04 14.06
N SER B 34 4.08 14.01 13.23
CA SER B 34 3.43 14.00 11.92
C SER B 34 1.92 13.98 12.06
N VAL B 35 1.41 13.12 12.94
CA VAL B 35 -0.02 13.08 13.17
C VAL B 35 -0.49 14.38 13.83
N SER B 36 0.31 14.93 14.75
CA SER B 36 -0.09 16.15 15.45
C SER B 36 -0.31 17.30 14.47
N GLN B 37 0.50 17.38 13.42
CA GLN B 37 0.31 18.46 12.44
C GLN B 37 -1.06 18.40 11.80
N TYR B 38 -1.54 17.20 11.50
CA TYR B 38 -2.87 17.07 10.95
C TYR B 38 -3.95 17.24 12.02
N CYS B 39 -3.67 16.85 13.27
CA CYS B 39 -4.62 17.13 14.34
C CYS B 39 -4.86 18.63 14.47
N ASP B 40 -3.78 19.41 14.47
CA ASP B 40 -3.90 20.86 14.54
C ASP B 40 -4.60 21.40 13.31
N PHE B 41 -4.29 20.84 12.13
CA PHE B 41 -4.89 21.29 10.88
C PHE B 41 -6.40 21.01 10.87
N GLN B 42 -6.82 19.86 11.38
CA GLN B 42 -8.20 19.44 11.22
C GLN B 42 -9.10 19.85 12.38
N TYR B 43 -8.55 19.94 13.59
CA TYR B 43 -9.35 20.25 14.77
C TYR B 43 -8.93 21.53 15.48
N GLY B 44 -7.83 22.17 15.05
CA GLY B 44 -7.30 23.33 15.72
C GLY B 44 -8.00 24.61 15.32
N GLU B 45 -7.41 25.72 15.76
CA GLU B 45 -7.98 27.04 15.56
C GLU B 45 -7.72 27.52 14.13
N ASP B 46 -8.65 28.33 13.63
CA ASP B 46 -8.51 28.86 12.27
C ASP B 46 -7.35 29.85 12.22
N CYS B 47 -6.57 29.78 11.14
CA CYS B 47 -5.42 30.64 10.95
C CYS B 47 -5.71 31.66 9.85
N PHE B 48 -5.31 32.90 10.08
CA PHE B 48 -5.44 33.97 9.09
C PHE B 48 -6.88 34.15 8.62
N GLY B 49 -7.83 33.86 9.49
CA GLY B 49 -9.23 33.96 9.14
C GLY B 49 -9.73 32.93 8.16
N VAL B 50 -8.99 31.85 7.95
CA VAL B 50 -9.35 30.85 6.95
C VAL B 50 -10.17 29.77 7.63
N LEU B 51 -11.34 29.47 7.06
CA LEU B 51 -12.21 28.43 7.60
C LEU B 51 -11.51 27.07 7.56
N ASN B 52 -11.83 26.24 8.56
CA ASN B 52 -11.27 24.90 8.65
C ASN B 52 -11.46 24.17 7.32
N PHE B 53 -10.35 23.65 6.78
CA PHE B 53 -10.38 23.05 5.45
C PHE B 53 -11.31 21.84 5.41
N ALA B 54 -11.22 20.96 6.41
CA ALA B 54 -12.04 19.75 6.40
C ALA B 54 -13.52 20.09 6.50
N LEU B 55 -13.87 21.07 7.34
CA LEU B 55 -15.25 21.53 7.43
C LEU B 55 -15.73 22.11 6.10
N ALA B 56 -14.89 22.94 5.46
CA ALA B 56 -15.27 23.56 4.21
C ALA B 56 -15.47 22.53 3.11
N CYS B 57 -14.56 21.56 3.02
CA CYS B 57 -14.70 20.50 2.01
C CYS B 57 -15.96 19.68 2.25
N ALA B 58 -16.21 19.29 3.49
CA ALA B 58 -17.37 18.45 3.79
C ALA B 58 -18.67 19.22 3.56
N THR B 59 -18.71 20.49 3.96
CA THR B 59 -19.88 21.33 3.72
C THR B 59 -20.18 21.45 2.23
N LYS B 60 -19.15 21.76 1.44
CA LYS B 60 -19.34 21.88 0.00
C LYS B 60 -19.77 20.56 -0.62
N ALA B 61 -19.17 19.44 -0.17
CA ALA B 61 -19.55 18.13 -0.68
C ALA B 61 -21.00 17.82 -0.36
N ILE B 62 -21.45 18.19 0.85
CA ILE B 62 -22.85 18.03 1.18
C ILE B 62 -23.72 18.86 0.27
N GLY B 63 -23.29 20.10 -0.02
CA GLY B 63 -24.05 20.95 -0.92
C GLY B 63 -24.13 20.41 -2.34
N TYR B 64 -23.01 19.91 -2.87
CA TYR B 64 -23.00 19.43 -4.24
C TYR B 64 -23.77 18.11 -4.40
N THR B 65 -24.00 17.39 -3.31
CA THR B 65 -24.72 16.12 -3.34
C THR B 65 -26.13 16.27 -2.75
N LYS B 66 -26.69 17.48 -2.85
CA LYS B 66 -27.99 17.80 -2.26
C LYS B 66 -29.08 16.85 -2.72
N GLU B 67 -29.03 16.43 -3.99
CA GLU B 67 -30.09 15.65 -4.61
C GLU B 67 -29.75 14.16 -4.67
N THR B 68 -28.74 13.72 -3.92
CA THR B 68 -28.39 12.32 -3.89
C THR B 68 -29.00 11.66 -2.66
N PRO B 69 -29.15 10.33 -2.67
CA PRO B 69 -29.39 9.64 -1.40
C PRO B 69 -28.15 9.81 -0.54
N LYS B 70 -28.36 10.24 0.70
CA LYS B 70 -27.21 10.50 1.58
C LYS B 70 -26.97 9.30 2.47
N ASN B 71 -26.78 8.13 1.84
CA ASN B 71 -26.62 6.89 2.57
C ASN B 71 -25.17 6.57 2.93
N ARG B 72 -24.27 6.60 1.95
CA ARG B 72 -22.90 6.17 2.16
C ARG B 72 -21.92 7.14 1.51
N ALA B 73 -20.91 7.56 2.27
CA ALA B 73 -19.86 8.41 1.79
C ALA B 73 -18.50 7.80 2.10
N LEU B 74 -17.56 7.96 1.18
CA LEU B 74 -16.19 7.52 1.38
C LEU B 74 -15.28 8.74 1.43
N ASP B 75 -14.48 8.83 2.49
CA ASP B 75 -13.54 9.92 2.70
C ASP B 75 -12.13 9.34 2.55
N LEU B 76 -11.55 9.50 1.36
CA LEU B 76 -10.23 8.94 1.08
C LEU B 76 -9.14 9.91 1.51
N GLY B 77 -8.19 9.40 2.29
CA GLY B 77 -7.20 10.26 2.90
C GLY B 77 -7.83 11.08 4.00
N CYS B 78 -8.55 10.41 4.91
CA CYS B 78 -9.27 11.08 5.98
C CYS B 78 -8.35 11.64 7.05
N ALA B 79 -7.09 11.23 7.08
CA ALA B 79 -6.13 11.68 8.08
C ALA B 79 -6.70 11.50 9.49
N THR B 80 -6.83 12.58 10.25
CA THR B 80 -7.31 12.48 11.63
C THR B 80 -8.83 12.59 11.75
N GLY B 81 -9.56 12.53 10.62
CA GLY B 81 -10.96 12.18 10.65
C GLY B 81 -11.97 13.32 10.61
N ARG B 82 -11.52 14.57 10.59
CA ARG B 82 -12.46 15.69 10.71
C ARG B 82 -13.49 15.68 9.59
N ALA B 83 -13.05 15.51 8.34
CA ALA B 83 -14.00 15.56 7.23
C ALA B 83 -14.99 14.40 7.27
N SER B 84 -14.56 13.23 7.77
CA SER B 84 -15.47 12.10 7.93
C SER B 84 -16.55 12.42 8.96
N PHE B 85 -16.13 12.95 10.11
CA PHE B 85 -17.10 13.33 11.14
C PHE B 85 -18.08 14.35 10.61
N GLU B 86 -17.58 15.33 9.85
CA GLU B 86 -18.46 16.38 9.34
C GLU B 86 -19.42 15.84 8.28
N LEU B 87 -18.94 14.92 7.44
CA LEU B 87 -19.83 14.31 6.45
C LEU B 87 -20.91 13.47 7.11
N ALA B 88 -20.60 12.89 8.27
CA ALA B 88 -21.54 12.05 9.00
C ALA B 88 -22.73 12.83 9.55
N ARG B 89 -22.66 14.16 9.54
CA ARG B 89 -23.81 14.96 9.93
C ARG B 89 -24.91 14.95 8.88
N SER B 90 -24.58 14.62 7.63
CA SER B 90 -25.55 14.52 6.56
C SER B 90 -25.73 13.11 6.02
N TYR B 91 -24.67 12.31 6.02
CA TYR B 91 -24.74 10.97 5.48
C TYR B 91 -25.08 9.97 6.58
N LYS B 92 -25.72 8.86 6.18
CA LYS B 92 -26.06 7.83 7.14
C LYS B 92 -24.84 7.01 7.57
N HIS B 93 -23.91 6.78 6.65
CA HIS B 93 -22.69 6.06 6.97
C HIS B 93 -21.53 6.70 6.22
N VAL B 94 -20.41 6.89 6.92
CA VAL B 94 -19.20 7.44 6.33
C VAL B 94 -18.04 6.50 6.63
N ASP B 95 -17.31 6.12 5.58
CA ASP B 95 -16.09 5.34 5.72
C ASP B 95 -14.89 6.26 5.56
N GLY B 96 -13.98 6.23 6.53
CA GLY B 96 -12.76 7.01 6.45
C GLY B 96 -11.55 6.11 6.25
N VAL B 97 -10.81 6.32 5.16
CA VAL B 97 -9.69 5.45 4.81
C VAL B 97 -8.43 6.29 4.69
N ASP B 98 -7.34 5.81 5.29
CA ASP B 98 -6.05 6.46 5.15
C ASP B 98 -4.95 5.42 5.05
N TYR B 99 -3.89 5.77 4.33
CA TYR B 99 -2.76 4.87 4.17
C TYR B 99 -2.01 4.68 5.48
N SER B 100 -1.95 5.70 6.33
CA SER B 100 -1.15 5.65 7.54
C SER B 100 -2.02 5.13 8.69
N GLN B 101 -1.58 4.00 9.28
CA GLN B 101 -2.28 3.46 10.45
C GLN B 101 -2.30 4.45 11.60
N ALA B 102 -1.25 5.28 11.72
CA ALA B 102 -1.17 6.21 12.85
C ALA B 102 -2.29 7.24 12.79
N PHE B 103 -2.61 7.73 11.59
CA PHE B 103 -3.73 8.65 11.44
C PHE B 103 -5.06 7.95 11.73
N VAL B 104 -5.20 6.70 11.27
CA VAL B 104 -6.42 5.94 11.55
C VAL B 104 -6.62 5.79 13.05
N ASP B 105 -5.55 5.47 13.78
CA ASP B 105 -5.66 5.23 15.21
C ASP B 105 -6.02 6.50 15.96
N ALA B 106 -5.52 7.64 15.51
CA ALA B 106 -5.87 8.90 16.15
C ALA B 106 -7.34 9.24 15.96
N ALA B 107 -7.86 9.02 14.75
CA ALA B 107 -9.28 9.28 14.51
C ALA B 107 -10.15 8.31 15.31
N THR B 108 -9.76 7.03 15.36
CA THR B 108 -10.53 6.05 16.12
C THR B 108 -10.50 6.34 17.62
N GLU B 109 -9.36 6.80 18.13
CA GLU B 109 -9.28 7.15 19.54
C GLU B 109 -10.19 8.32 19.88
N LEU B 110 -10.21 9.34 19.02
CA LEU B 110 -11.13 10.45 19.24
C LEU B 110 -12.58 9.98 19.18
N GLN B 111 -12.85 8.98 18.36
CA GLN B 111 -14.20 8.45 18.25
C GLN B 111 -14.58 7.63 19.48
N LYS B 112 -13.66 6.80 19.99
CA LYS B 112 -13.99 5.92 21.10
C LYS B 112 -13.91 6.64 22.45
N ASN B 113 -12.75 7.22 22.78
CA ASN B 113 -12.52 7.84 24.07
C ASN B 113 -12.93 9.30 24.14
N GLY B 114 -13.20 9.94 23.00
CA GLY B 114 -13.65 11.32 22.99
C GLY B 114 -12.57 12.37 23.12
N CYS B 115 -11.30 11.98 23.22
CA CYS B 115 -10.24 12.97 23.36
C CYS B 115 -8.92 12.40 22.88
N ILE B 116 -8.10 13.26 22.28
CA ILE B 116 -6.72 12.95 21.94
C ILE B 116 -5.89 14.18 22.22
N GLY B 117 -4.60 13.97 22.45
CA GLY B 117 -3.66 15.06 22.64
C GLY B 117 -2.69 15.12 21.48
N TYR B 118 -2.19 16.33 21.19
CA TYR B 118 -1.26 16.52 20.08
C TYR B 118 -0.27 17.63 20.43
N SER B 119 0.88 17.58 19.75
CA SER B 119 1.98 18.51 19.97
C SER B 119 1.95 19.59 18.89
N GLN B 120 1.67 20.82 19.29
CA GLN B 120 1.83 21.96 18.41
C GLN B 120 3.27 22.43 18.41
N ASN B 121 3.78 22.83 17.25
CA ASN B 121 5.16 23.26 17.12
C ASN B 121 5.27 24.77 17.36
N GLY B 122 6.34 25.17 18.04
CA GLY B 122 6.64 26.57 18.23
C GLY B 122 7.99 26.96 17.66
N GLU B 123 8.68 27.84 18.38
CA GLU B 123 10.03 28.23 17.99
C GLU B 123 10.97 27.04 18.09
N GLY B 124 11.70 26.78 17.00
CA GLY B 124 12.70 25.71 16.99
C GLY B 124 12.17 24.36 17.39
N GLU B 125 12.65 23.83 18.51
CA GLU B 125 12.20 22.54 19.04
C GLU B 125 11.12 22.68 20.11
N LEU B 126 10.76 23.90 20.51
CA LEU B 126 9.76 24.08 21.54
C LEU B 126 8.40 23.62 21.04
N LYS B 127 7.63 23.03 21.94
CA LYS B 127 6.35 22.41 21.59
C LYS B 127 5.28 22.83 22.58
N ASN B 128 4.09 23.09 22.06
CA ASN B 128 2.87 23.26 22.85
C ASN B 128 2.05 21.98 22.72
N TYR B 129 1.33 21.63 23.79
CA TYR B 129 0.50 20.43 23.79
C TYR B 129 -0.95 20.82 24.00
N LYS B 130 -1.84 20.26 23.18
CA LYS B 130 -3.26 20.60 23.20
C LYS B 130 -4.09 19.33 23.23
N VAL B 131 -5.35 19.49 23.61
CA VAL B 131 -6.28 18.38 23.73
C VAL B 131 -7.48 18.66 22.85
N ILE B 132 -7.85 17.68 22.02
CA ILE B 132 -9.06 17.74 21.21
C ILE B 132 -10.14 16.98 21.95
N ASP B 133 -11.26 17.65 22.22
CA ASP B 133 -12.40 17.02 22.87
C ASP B 133 -13.54 16.90 21.87
N ARG B 134 -13.95 15.67 21.59
CA ARG B 134 -15.06 15.41 20.66
C ARG B 134 -16.28 16.25 20.99
N GLU B 135 -16.62 16.35 22.28
CA GLU B 135 -17.83 17.06 22.70
C GLU B 135 -17.72 18.55 22.50
N GLY B 136 -16.54 19.09 22.19
CA GLY B 136 -16.39 20.48 21.87
C GLY B 136 -16.73 20.87 20.45
N TYR B 137 -17.18 19.91 19.63
CA TYR B 137 -17.49 20.15 18.23
C TYR B 137 -18.91 19.70 17.93
N ALA B 138 -19.52 20.35 16.94
CA ALA B 138 -20.90 20.04 16.59
C ALA B 138 -21.06 18.64 16.03
N PHE B 139 -20.01 18.06 15.46
CA PHE B 139 -20.14 16.70 14.94
C PHE B 139 -20.24 15.66 16.05
N ARG B 140 -20.30 16.08 17.31
CA ARG B 140 -20.52 15.13 18.40
C ARG B 140 -21.85 14.40 18.26
N ASP B 141 -22.76 14.93 17.44
CA ASP B 141 -24.07 14.33 17.23
C ASP B 141 -24.07 13.21 16.20
N SER B 142 -22.93 12.90 15.57
CA SER B 142 -22.94 11.95 14.46
C SER B 142 -21.72 11.04 14.42
N PHE B 143 -20.86 11.07 15.43
CA PHE B 143 -19.57 10.38 15.32
C PHE B 143 -19.71 8.86 15.34
N THR B 144 -20.84 8.32 15.79
CA THR B 144 -21.04 6.88 15.75
C THR B 144 -21.40 6.36 14.37
N LYS B 145 -21.59 7.25 13.40
CA LYS B 145 -21.93 6.85 12.04
C LYS B 145 -20.70 6.70 11.14
N VAL B 146 -19.50 6.78 11.72
CA VAL B 146 -18.25 6.74 10.97
C VAL B 146 -17.48 5.47 11.32
N GLU B 147 -16.81 4.90 10.33
CA GLU B 147 -15.89 3.79 10.53
C GLU B 147 -14.57 4.13 9.84
N PHE B 148 -13.49 4.11 10.60
CA PHE B 148 -12.17 4.46 10.09
C PHE B 148 -11.37 3.20 9.78
N PHE B 149 -10.72 3.17 8.61
CA PHE B 149 -9.96 2.02 8.17
C PHE B 149 -8.62 2.45 7.60
N GLN B 150 -7.62 1.58 7.75
CA GLN B 150 -6.38 1.74 7.01
C GLN B 150 -6.58 1.15 5.62
N GLY B 151 -6.09 1.85 4.61
CA GLY B 151 -6.26 1.37 3.25
C GLY B 151 -5.56 2.26 2.26
N ASP B 152 -5.62 1.82 1.00
CA ASP B 152 -4.95 2.46 -0.12
C ASP B 152 -5.98 2.75 -1.21
N ALA B 153 -6.06 4.01 -1.63
CA ALA B 153 -7.01 4.41 -2.67
C ALA B 153 -6.73 3.68 -3.98
N CYS B 154 -5.47 3.34 -4.25
CA CYS B 154 -5.11 2.66 -5.49
C CYS B 154 -5.40 1.17 -5.44
N ASN B 155 -5.85 0.65 -4.31
CA ASN B 155 -6.16 -0.77 -4.19
C ASN B 155 -7.14 -1.00 -3.05
N LEU B 156 -8.36 -0.50 -3.20
CA LEU B 156 -9.37 -0.64 -2.16
C LEU B 156 -9.94 -2.05 -2.15
N THR B 157 -10.26 -2.54 -0.96
CA THR B 157 -10.85 -3.86 -0.84
C THR B 157 -12.29 -3.85 -1.36
N PRO B 158 -12.81 -5.02 -1.75
CA PRO B 158 -14.12 -5.05 -2.44
C PRO B 158 -15.27 -4.45 -1.64
N GLN B 159 -15.23 -4.49 -0.32
CA GLN B 159 -16.36 -4.05 0.49
C GLN B 159 -16.62 -2.55 0.38
N PHE B 160 -15.61 -1.77 -0.03
CA PHE B 160 -15.73 -0.31 -0.10
C PHE B 160 -16.35 0.02 -1.45
N LYS B 161 -17.67 -0.07 -1.51
CA LYS B 161 -18.40 0.10 -2.75
C LYS B 161 -19.72 0.80 -2.44
N GLU B 162 -20.49 1.06 -3.51
CA GLU B 162 -21.86 1.55 -3.40
C GLU B 162 -21.91 2.86 -2.59
N TYR B 163 -21.01 3.78 -2.95
CA TYR B 163 -20.97 5.09 -2.32
C TYR B 163 -21.76 6.08 -3.15
N ASP B 164 -22.50 6.96 -2.48
CA ASP B 164 -23.09 8.09 -3.17
C ASP B 164 -22.08 9.22 -3.35
N LEU B 165 -21.07 9.25 -2.48
CA LEU B 165 -20.04 10.28 -2.53
C LEU B 165 -18.70 9.65 -2.20
N ILE B 166 -17.71 9.89 -3.06
CA ILE B 166 -16.32 9.58 -2.75
C ILE B 166 -15.55 10.90 -2.79
N MET B 167 -14.98 11.28 -1.66
CA MET B 167 -14.19 12.49 -1.54
C MET B 167 -12.74 12.10 -1.33
N ALA B 168 -11.86 12.60 -2.19
CA ALA B 168 -10.42 12.38 -2.09
C ALA B 168 -9.77 13.75 -1.97
N THR B 169 -9.35 14.12 -0.76
CA THR B 169 -8.92 15.46 -0.44
C THR B 169 -7.40 15.56 -0.45
N ASN B 170 -6.87 16.44 -1.30
CA ASN B 170 -5.43 16.70 -1.42
C ASN B 170 -4.64 15.39 -1.52
N LEU B 171 -5.10 14.51 -2.39
CA LEU B 171 -4.56 13.16 -2.45
C LEU B 171 -3.89 12.81 -3.77
N ILE B 172 -4.46 13.24 -4.91
CA ILE B 172 -3.96 12.76 -6.20
C ILE B 172 -2.50 13.16 -6.40
N ASP B 173 -2.11 14.35 -5.93
CA ASP B 173 -0.73 14.79 -6.07
C ASP B 173 0.18 14.23 -4.98
N ARG B 174 -0.28 13.20 -4.26
CA ARG B 174 0.55 12.45 -3.34
C ARG B 174 0.60 10.98 -3.71
N LEU B 175 0.03 10.60 -4.84
CA LEU B 175 0.02 9.21 -5.32
C LEU B 175 1.09 9.00 -6.37
N TYR B 176 1.74 7.85 -6.33
CA TYR B 176 2.78 7.58 -7.32
C TYR B 176 2.19 7.48 -8.73
N GLU B 177 1.03 6.85 -8.87
CA GLU B 177 0.34 6.73 -10.16
C GLU B 177 -1.13 7.06 -9.95
N PRO B 178 -1.48 8.34 -9.86
CA PRO B 178 -2.86 8.71 -9.52
C PRO B 178 -3.89 8.17 -10.49
N ARG B 179 -3.51 7.76 -11.67
CA ARG B 179 -4.50 7.28 -12.66
C ARG B 179 -5.03 5.90 -12.23
N LEU B 180 -4.23 5.13 -11.50
CA LEU B 180 -4.66 3.79 -11.03
C LEU B 180 -5.94 3.93 -10.21
N PHE B 181 -6.01 4.96 -9.37
CA PHE B 181 -7.21 5.22 -8.55
C PHE B 181 -8.33 5.83 -9.38
N LEU B 182 -8.00 6.82 -10.20
CA LEU B 182 -9.04 7.60 -10.93
C LEU B 182 -9.75 6.77 -12.02
N GLU B 183 -9.04 5.90 -12.73
CA GLU B 183 -9.65 5.17 -13.87
C GLU B 183 -10.59 4.06 -13.41
N ASN B 184 -10.62 3.77 -12.12
CA ASN B 184 -11.44 2.64 -11.61
C ASN B 184 -12.40 3.10 -10.51
N ILE B 185 -12.33 4.36 -10.09
CA ILE B 185 -13.16 4.82 -8.93
C ILE B 185 -14.65 4.80 -9.28
N HIS B 186 -14.99 4.96 -10.56
CA HIS B 186 -16.41 4.96 -10.93
C HIS B 186 -17.10 3.67 -10.51
N LYS B 187 -16.35 2.57 -10.44
CA LYS B 187 -16.91 1.28 -10.04
C LYS B 187 -17.42 1.28 -8.61
N ARG B 188 -16.90 2.15 -7.75
CA ARG B 188 -17.28 2.18 -6.34
C ARG B 188 -18.40 3.17 -6.04
N ILE B 189 -18.91 3.87 -7.04
CA ILE B 189 -19.89 4.93 -6.86
C ILE B 189 -21.20 4.51 -7.49
N ASN B 190 -22.29 4.77 -6.78
CA ASN B 190 -23.61 4.49 -7.33
C ASN B 190 -23.92 5.38 -8.52
N GLU B 191 -24.96 5.00 -9.25
CA GLU B 191 -25.47 5.85 -10.31
C GLU B 191 -25.93 7.17 -9.72
N LYS B 192 -25.69 8.26 -10.45
CA LYS B 192 -25.93 9.62 -10.00
C LYS B 192 -25.11 9.98 -8.77
N GLY B 193 -24.13 9.16 -8.40
CA GLY B 193 -23.21 9.48 -7.32
C GLY B 193 -22.16 10.48 -7.77
N TYR B 194 -21.32 10.87 -6.83
CA TYR B 194 -20.38 11.96 -7.05
C TYR B 194 -18.96 11.55 -6.66
N LEU B 195 -17.99 12.04 -7.43
CA LEU B 195 -16.57 11.98 -7.07
C LEU B 195 -16.10 13.41 -6.88
N ILE B 196 -15.62 13.73 -5.68
CA ILE B 196 -15.17 15.08 -5.36
C ILE B 196 -13.68 15.03 -5.04
N LEU B 197 -12.89 15.74 -5.82
CA LEU B 197 -11.44 15.82 -5.65
C LEU B 197 -11.06 17.23 -5.26
N THR B 198 -10.08 17.35 -4.37
CA THR B 198 -9.42 18.63 -4.13
C THR B 198 -7.93 18.40 -4.26
N SER B 199 -7.24 19.37 -4.87
CA SER B 199 -5.80 19.24 -4.97
C SER B 199 -5.22 20.59 -5.32
N PRO B 200 -4.08 20.97 -4.73
CA PRO B 200 -3.36 22.15 -5.21
C PRO B 200 -2.43 21.85 -6.36
N TYR B 201 -2.44 20.62 -6.86
CA TYR B 201 -1.66 20.23 -8.04
C TYR B 201 -0.16 20.42 -7.83
N THR B 202 0.31 20.08 -6.63
CA THR B 202 1.72 20.21 -6.28
C THR B 202 2.47 18.95 -6.73
N TRP B 203 2.57 18.79 -8.04
CA TRP B 203 3.23 17.61 -8.58
C TRP B 203 4.72 17.65 -8.28
N ARG B 204 5.23 16.59 -7.67
CA ARG B 204 6.65 16.47 -7.34
C ARG B 204 7.12 15.05 -7.68
N GLU B 205 8.31 14.95 -8.25
CA GLU B 205 8.89 13.64 -8.56
C GLU B 205 9.13 12.81 -7.31
N GLU B 206 9.27 13.45 -6.14
CA GLU B 206 9.39 12.69 -4.90
C GLU B 206 8.14 11.87 -4.62
N TYR B 207 6.99 12.34 -5.07
CA TYR B 207 5.72 11.65 -4.83
C TYR B 207 5.21 10.92 -6.05
N THR B 208 5.35 11.51 -7.24
CA THR B 208 4.74 11.01 -8.46
C THR B 208 5.77 10.99 -9.58
N ALA B 209 5.88 9.84 -10.26
CA ALA B 209 6.73 9.79 -11.44
C ALA B 209 6.20 10.77 -12.49
N LYS B 210 7.12 11.50 -13.11
CA LYS B 210 6.75 12.55 -14.07
C LYS B 210 5.79 12.01 -15.14
N LYS B 211 6.03 10.79 -15.63
CA LYS B 211 5.14 10.22 -16.64
C LYS B 211 3.73 9.99 -16.11
N PHE B 212 3.55 10.04 -14.79
CA PHE B 212 2.24 9.86 -14.18
C PHE B 212 1.61 11.15 -13.71
N TRP B 213 2.31 12.28 -13.85
CA TRP B 213 1.70 13.57 -13.54
C TRP B 213 0.46 13.76 -14.40
N ILE B 214 -0.64 14.16 -13.77
CA ILE B 214 -1.86 14.38 -14.53
C ILE B 214 -1.80 15.73 -15.23
N GLY B 215 -1.02 16.66 -14.73
CA GLY B 215 -0.88 17.95 -15.36
C GLY B 215 0.35 18.64 -14.83
N GLY B 216 0.46 19.92 -15.14
CA GLY B 216 1.57 20.70 -14.64
C GLY B 216 2.88 20.38 -15.31
N TYR B 217 2.84 20.02 -16.59
CA TYR B 217 4.03 19.66 -17.33
C TYR B 217 3.84 20.05 -18.79
N VAL B 218 4.95 20.16 -19.50
CA VAL B 218 4.96 20.41 -20.93
C VAL B 218 5.04 19.08 -21.65
N ASP B 219 4.11 18.81 -22.56
CA ASP B 219 4.13 17.55 -23.27
C ASP B 219 5.25 17.54 -24.33
N GLU B 220 5.33 16.44 -25.06
CA GLU B 220 6.38 16.26 -26.06
C GLU B 220 6.27 17.25 -27.21
N ASN B 221 5.11 17.88 -27.38
CA ASN B 221 4.87 18.82 -28.47
C ASN B 221 5.10 20.28 -28.06
N GLY B 222 5.44 20.54 -26.80
CA GLY B 222 5.65 21.88 -26.35
C GLY B 222 4.43 22.57 -25.77
N LYS B 223 3.34 21.86 -25.57
CA LYS B 223 2.11 22.43 -25.01
C LYS B 223 2.04 22.17 -23.51
N GLU B 224 1.60 23.18 -22.78
CA GLU B 224 1.42 23.03 -21.35
C GLU B 224 0.14 22.24 -21.07
N VAL B 225 0.22 21.34 -20.10
CA VAL B 225 -0.89 20.48 -19.73
C VAL B 225 -1.39 20.91 -18.35
N SER B 226 -2.65 21.34 -18.28
CA SER B 226 -3.26 21.68 -17.01
C SER B 226 -3.80 20.42 -16.36
N THR B 227 -3.74 20.37 -15.02
CA THR B 227 -4.18 19.16 -14.33
C THR B 227 -5.68 18.94 -14.48
N LEU B 228 -6.47 20.03 -14.46
CA LEU B 228 -7.91 19.88 -14.66
C LEU B 228 -8.23 19.27 -16.02
N GLU B 229 -7.49 19.68 -17.06
CA GLU B 229 -7.66 19.07 -18.37
C GLU B 229 -7.30 17.60 -18.34
N GLY B 230 -6.20 17.25 -17.65
CA GLY B 230 -5.83 15.86 -17.52
C GLY B 230 -6.85 15.06 -16.73
N LEU B 231 -7.47 15.68 -15.73
CA LEU B 231 -8.53 15.00 -14.99
C LEU B 231 -9.73 14.76 -15.89
N LYS B 232 -10.07 15.74 -16.73
CA LYS B 232 -11.16 15.55 -17.69
C LYS B 232 -10.88 14.37 -18.62
N GLU B 233 -9.65 14.27 -19.13
CA GLU B 233 -9.33 13.19 -20.05
C GLU B 233 -9.53 11.83 -19.40
N ILE B 234 -9.15 11.69 -18.13
CA ILE B 234 -9.31 10.41 -17.45
C ILE B 234 -10.77 10.15 -17.08
N LEU B 235 -11.43 11.15 -16.50
CA LEU B 235 -12.72 10.92 -15.83
C LEU B 235 -13.93 11.10 -16.72
N GLU B 236 -13.82 11.86 -17.81
CA GLU B 236 -15.03 12.08 -18.61
C GLU B 236 -15.47 10.83 -19.36
N ILE B 237 -14.68 9.76 -19.30
CA ILE B 237 -15.15 8.45 -19.77
C ILE B 237 -16.36 7.99 -18.96
N HIS B 238 -16.35 8.25 -17.65
CA HIS B 238 -17.41 7.77 -16.77
C HIS B 238 -18.02 8.86 -15.89
N PHE B 239 -17.63 10.12 -16.08
CA PHE B 239 -18.08 11.20 -15.22
C PHE B 239 -18.41 12.42 -16.08
N GLU B 240 -19.16 13.35 -15.49
CA GLU B 240 -19.36 14.68 -16.06
C GLU B 240 -18.85 15.72 -15.08
N LEU B 241 -18.11 16.71 -15.58
CA LEU B 241 -17.61 17.76 -14.71
C LEU B 241 -18.73 18.73 -14.36
N VAL B 242 -19.02 18.86 -13.07
CA VAL B 242 -20.16 19.64 -12.61
C VAL B 242 -19.73 21.01 -12.11
N ALA B 243 -18.63 21.08 -11.36
CA ALA B 243 -18.24 22.35 -10.78
C ALA B 243 -16.76 22.32 -10.42
N THR B 244 -16.17 23.51 -10.37
CA THR B 244 -14.85 23.70 -9.79
C THR B 244 -14.92 24.88 -8.83
N GLU B 245 -14.09 24.82 -7.79
CA GLU B 245 -14.10 25.83 -6.75
C GLU B 245 -12.73 25.86 -6.10
N ASP B 246 -12.25 27.06 -5.78
CA ASP B 246 -11.00 27.23 -5.08
C ASP B 246 -11.27 27.26 -3.58
N ILE B 247 -10.54 26.44 -2.81
CA ILE B 247 -10.70 26.35 -1.38
C ILE B 247 -9.34 26.57 -0.72
N PRO B 248 -9.15 27.66 0.04
CA PRO B 248 -7.87 27.88 0.70
C PRO B 248 -7.76 27.09 2.00
N PHE B 249 -6.53 26.75 2.35
CA PHE B 249 -6.25 26.15 3.64
C PHE B 249 -4.89 26.62 4.15
N VAL B 250 -4.74 26.58 5.46
CA VAL B 250 -3.49 26.95 6.15
C VAL B 250 -3.07 25.77 7.01
N ILE B 251 -1.81 25.37 6.90
CA ILE B 251 -1.24 24.35 7.77
C ILE B 251 -0.12 25.00 8.57
N ARG B 252 -0.18 24.89 9.89
CA ARG B 252 0.84 25.45 10.77
C ARG B 252 2.09 24.57 10.73
N GLU B 253 3.23 25.18 10.43
CA GLU B 253 4.52 24.50 10.54
C GLU B 253 5.27 24.90 11.80
N THR B 254 5.32 26.19 12.13
CA THR B 254 5.78 26.66 13.43
C THR B 254 4.78 27.67 13.95
N SER B 255 5.12 28.26 15.10
CA SER B 255 4.31 29.35 15.64
C SER B 255 4.25 30.55 14.70
N ARG B 256 5.24 30.69 13.82
CA ARG B 256 5.32 31.84 12.92
C ARG B 256 5.32 31.46 11.45
N LYS B 257 5.55 30.20 11.13
CA LYS B 257 5.65 29.77 9.70
C LYS B 257 4.47 28.87 9.34
N PHE B 258 3.80 29.19 8.26
CA PHE B 258 2.61 28.40 7.85
C PHE B 258 2.61 28.20 6.34
N GLN B 259 1.90 27.17 5.89
CA GLN B 259 1.71 26.98 4.44
C GLN B 259 0.31 27.49 4.11
N HIS B 260 0.21 28.44 3.20
CA HIS B 260 -1.10 28.98 2.79
C HIS B 260 -1.30 28.51 1.36
N THR B 261 -2.25 27.62 1.17
CA THR B 261 -2.39 27.01 -0.18
C THR B 261 -3.84 27.08 -0.65
N ILE B 262 -4.04 27.28 -1.95
CA ILE B 262 -5.40 27.29 -2.53
C ILE B 262 -5.62 26.01 -3.33
N SER B 263 -6.39 25.07 -2.75
CA SER B 263 -6.76 23.87 -3.48
C SER B 263 -7.89 24.17 -4.45
N GLN B 264 -7.99 23.33 -5.48
CA GLN B 264 -9.12 23.35 -6.40
C GLN B 264 -9.96 22.11 -6.17
N MET B 265 -11.23 22.31 -5.84
CA MET B 265 -12.17 21.22 -5.73
C MET B 265 -12.85 21.06 -7.08
N SER B 266 -12.87 19.83 -7.59
CA SER B 266 -13.57 19.48 -8.81
C SER B 266 -14.63 18.45 -8.48
N VAL B 267 -15.83 18.62 -9.05
CA VAL B 267 -16.99 17.82 -8.70
C VAL B 267 -17.43 17.04 -9.93
N TRP B 268 -17.54 15.72 -9.79
CA TRP B 268 -17.77 14.82 -10.93
C TRP B 268 -18.94 13.90 -10.61
N LYS B 269 -19.92 13.88 -11.51
CA LYS B 269 -21.11 13.04 -11.37
C LYS B 269 -21.02 11.87 -12.35
N VAL B 270 -21.33 10.66 -11.87
CA VAL B 270 -21.17 9.46 -12.67
C VAL B 270 -22.14 9.47 -13.85
N ILE B 271 -21.75 8.80 -14.93
CA ILE B 271 -22.54 8.63 -16.14
C ILE B 271 -22.74 9.96 -16.82
C1 EDO C . -9.48 -0.29 2.23
O1 EDO C . -9.04 -1.02 1.08
C2 EDO C . -9.35 -1.18 3.46
O2 EDO C . -8.08 -1.83 3.44
C1 EDO D . -1.36 33.37 12.80
O1 EDO D . -1.34 33.11 14.21
C2 EDO D . -2.46 32.53 12.16
O2 EDO D . -3.73 33.18 12.31
#